data_7L1I
#
_entry.id   7L1I
#
_cell.length_a   72.672
_cell.length_b   72.672
_cell.length_c   125.125
_cell.angle_alpha   90.000
_cell.angle_beta   90.000
_cell.angle_gamma   120.000
#
_symmetry.space_group_name_H-M   'P 61 2 2'
#
loop_
_entity.id
_entity.type
_entity.pdbx_description
1 polymer 'MarR family multidrug resistance pump transcriptional regulator'
2 non-polymer '1H-INDOL-3-YLACETIC ACID'
3 non-polymer 'NICKEL (II) ION'
4 water water
#
_entity_poly.entity_id   1
_entity_poly.type   'polypeptide(L)'
_entity_poly.pdbx_seq_one_letter_code
;MHHHHHHSSGVDLGTENLYFQSNAMLDHLEQFLPNKEPSSIQNFPFFWISQVNGKYSQLIEKSIKKLGIDNTRRKIILST
NALGEASITDIANLSTLKLTTATKAVYRLVEDGIVEVYSSTTDERISMVKLTAKGVELVEQINQISVVTLAGILNAFSED
ELHNLNHQLKKLFDLMPSS
;
_entity_poly.pdbx_strand_id   A
#
# COMPACT_ATOMS: atom_id res chain seq x y z
N GLY A 10 -4.58 -22.81 20.95
CA GLY A 10 -4.70 -23.98 20.01
C GLY A 10 -4.79 -23.51 18.55
N VAL A 11 -3.78 -23.80 17.71
CA VAL A 11 -3.79 -23.54 16.23
C VAL A 11 -3.84 -24.90 15.50
N ASP A 12 -4.15 -24.87 14.19
CA ASP A 12 -4.23 -26.09 13.34
C ASP A 12 -3.03 -26.16 12.37
N LEU A 13 -2.43 -25.02 11.99
CA LEU A 13 -1.22 -24.96 11.09
C LEU A 13 -1.51 -25.76 9.80
N GLY A 14 -2.76 -25.73 9.31
CA GLY A 14 -3.18 -26.32 8.02
C GLY A 14 -3.56 -27.79 8.11
N THR A 15 -3.85 -28.32 9.30
CA THR A 15 -4.09 -29.79 9.48
C THR A 15 -5.49 -30.03 10.08
N GLU A 16 -5.78 -31.28 10.41
CA GLU A 16 -7.04 -31.72 11.08
C GLU A 16 -6.84 -31.83 12.60
N ASN A 17 -5.66 -31.47 13.12
CA ASN A 17 -5.33 -31.51 14.58
C ASN A 17 -5.22 -30.05 15.08
N LEU A 18 -5.07 -29.84 16.40
CA LEU A 18 -4.92 -28.54 17.09
C LEU A 18 -3.68 -28.64 17.96
N TYR A 19 -2.89 -27.61 17.83
N TYR A 19 -2.86 -27.64 17.82
CA TYR A 19 -1.54 -27.53 18.41
CA TYR A 19 -1.57 -27.62 18.52
C TYR A 19 -1.48 -26.36 19.39
C TYR A 19 -1.54 -26.40 19.43
N PHE A 20 -0.89 -26.60 20.58
CA PHE A 20 -0.60 -25.56 21.62
C PHE A 20 0.89 -25.21 21.54
N GLN A 21 1.19 -24.00 21.11
CA GLN A 21 2.59 -23.54 20.91
C GLN A 21 3.35 -23.57 22.23
N SER A 22 4.67 -23.71 22.09
CA SER A 22 5.71 -23.70 23.16
C SER A 22 5.59 -22.42 23.99
N ASN A 23 5.82 -22.50 25.31
CA ASN A 23 5.89 -21.31 26.19
C ASN A 23 7.00 -20.36 25.76
N ALA A 24 8.05 -20.85 25.12
CA ALA A 24 9.08 -20.03 24.43
C ALA A 24 8.41 -19.08 23.43
N MET A 25 7.71 -19.60 22.44
CA MET A 25 7.09 -18.75 21.35
C MET A 25 6.21 -17.70 22.02
N LEU A 26 5.45 -18.11 23.05
CA LEU A 26 4.56 -17.20 23.80
C LEU A 26 5.38 -16.14 24.56
N ASP A 27 6.42 -16.48 25.33
CA ASP A 27 7.33 -15.50 26.00
C ASP A 27 7.84 -14.51 24.96
N HIS A 28 8.42 -14.97 23.87
CA HIS A 28 8.96 -14.05 22.84
C HIS A 28 7.82 -13.16 22.37
N LEU A 29 6.68 -13.73 22.09
CA LEU A 29 5.57 -12.92 21.56
C LEU A 29 5.13 -11.87 22.60
N GLU A 30 5.15 -12.21 23.89
CA GLU A 30 4.78 -11.29 25.01
C GLU A 30 5.80 -10.16 25.12
N GLN A 31 7.00 -10.29 24.55
CA GLN A 31 7.94 -9.14 24.52
C GLN A 31 7.38 -8.06 23.58
N PHE A 32 6.45 -8.44 22.73
CA PHE A 32 5.96 -7.49 21.69
C PHE A 32 4.48 -7.12 21.88
N LEU A 33 3.70 -7.83 22.68
CA LEU A 33 2.26 -7.57 22.68
C LEU A 33 1.89 -6.48 23.66
N PRO A 34 0.80 -5.77 23.32
CA PRO A 34 0.18 -4.82 24.22
C PRO A 34 -0.28 -5.62 25.44
N ASN A 35 -0.07 -5.06 26.61
CA ASN A 35 -0.40 -5.77 27.88
C ASN A 35 -0.72 -4.69 28.91
N LYS A 36 -0.68 -5.02 30.20
CA LYS A 36 -1.14 -4.06 31.27
C LYS A 36 -0.09 -2.93 31.43
N GLU A 37 1.07 -3.01 30.80
CA GLU A 37 2.14 -1.99 30.99
C GLU A 37 1.92 -0.81 30.05
N PRO A 38 1.93 0.46 30.56
CA PRO A 38 1.66 1.59 29.69
C PRO A 38 2.56 1.65 28.45
N SER A 39 3.74 1.06 28.43
CA SER A 39 4.59 1.13 27.22
C SER A 39 4.59 -0.19 26.42
N SER A 40 3.80 -1.21 26.79
CA SER A 40 3.69 -2.42 25.94
C SER A 40 3.39 -2.05 24.46
N ILE A 41 2.53 -1.09 24.23
CA ILE A 41 2.00 -0.81 22.86
C ILE A 41 3.14 -0.45 21.90
N GLN A 42 4.11 0.30 22.40
CA GLN A 42 5.24 0.84 21.63
C GLN A 42 6.25 -0.29 21.33
N ASN A 43 6.04 -1.49 21.85
CA ASN A 43 6.88 -2.61 21.42
C ASN A 43 6.26 -3.38 20.26
N PHE A 44 5.08 -2.96 19.76
CA PHE A 44 4.26 -3.80 18.86
C PHE A 44 4.45 -3.35 17.44
N PRO A 45 5.07 -4.13 16.55
CA PRO A 45 5.38 -3.62 15.22
C PRO A 45 4.16 -3.16 14.42
N PHE A 46 3.02 -3.80 14.61
CA PHE A 46 1.80 -3.43 13.87
C PHE A 46 1.24 -2.13 14.40
N PHE A 47 1.57 -1.79 15.63
CA PHE A 47 1.09 -0.52 16.17
C PHE A 47 1.78 0.55 15.34
N TRP A 48 3.07 0.46 15.27
CA TRP A 48 3.87 1.44 14.52
C TRP A 48 3.50 1.46 13.03
N ILE A 49 3.27 0.32 12.40
CA ILE A 49 2.87 0.28 10.97
C ILE A 49 1.56 1.05 10.80
N SER A 50 0.64 0.88 11.74
CA SER A 50 -0.70 1.52 11.68
C SER A 50 -0.51 3.02 11.89
N GLN A 51 0.30 3.39 12.86
CA GLN A 51 0.48 4.82 13.20
C GLN A 51 1.18 5.51 12.02
N VAL A 52 2.18 4.87 11.44
CA VAL A 52 2.92 5.49 10.34
C VAL A 52 1.98 5.60 9.14
N ASN A 53 1.21 4.56 8.87
CA ASN A 53 0.31 4.56 7.71
C ASN A 53 -0.68 5.70 7.85
N GLY A 54 -1.23 5.89 9.06
CA GLY A 54 -2.26 6.90 9.32
C GLY A 54 -1.69 8.30 9.22
N LYS A 55 -0.51 8.52 9.77
CA LYS A 55 0.08 9.87 9.73
C LYS A 55 0.48 10.18 8.29
N TYR A 56 1.01 9.19 7.59
CA TYR A 56 1.38 9.36 6.16
C TYR A 56 0.15 9.65 5.31
N SER A 57 -0.92 8.91 5.54
CA SER A 57 -2.19 9.04 4.81
C SER A 57 -2.69 10.49 4.92
N GLN A 58 -2.75 11.01 6.13
CA GLN A 58 -3.19 12.43 6.35
C GLN A 58 -2.26 13.34 5.54
N LEU A 59 -0.94 13.15 5.66
CA LEU A 59 0.03 14.07 5.00
C LEU A 59 -0.24 14.09 3.49
N ILE A 60 -0.44 12.92 2.92
CA ILE A 60 -0.39 12.83 1.44
C ILE A 60 -1.72 13.35 0.91
N GLU A 61 -2.85 12.95 1.52
CA GLU A 61 -4.21 13.44 1.16
C GLU A 61 -4.18 14.97 1.19
N LYS A 62 -3.66 15.52 2.30
CA LYS A 62 -3.62 16.98 2.59
C LYS A 62 -2.83 17.69 1.49
N SER A 63 -1.73 17.13 1.01
CA SER A 63 -0.85 17.87 0.07
C SER A 63 -1.16 17.51 -1.39
N ILE A 64 -1.84 16.42 -1.65
CA ILE A 64 -2.19 16.04 -3.05
C ILE A 64 -3.49 16.74 -3.45
N LYS A 65 -4.19 17.25 -2.44
CA LYS A 65 -5.23 18.30 -2.48
C LYS A 65 -5.11 19.21 -3.70
N LYS A 66 -4.00 19.93 -3.84
CA LYS A 66 -3.84 20.93 -4.93
C LYS A 66 -4.26 20.34 -6.27
N LEU A 67 -3.66 19.24 -6.69
CA LEU A 67 -3.95 18.59 -8.00
C LEU A 67 -5.43 18.19 -8.12
N GLY A 68 -6.29 18.42 -7.13
CA GLY A 68 -7.71 18.00 -7.22
C GLY A 68 -7.81 16.51 -7.54
N ILE A 69 -7.00 15.72 -6.86
CA ILE A 69 -7.27 14.26 -6.76
C ILE A 69 -7.02 13.88 -5.31
N ASP A 70 -7.27 12.63 -4.98
CA ASP A 70 -7.16 12.07 -3.62
C ASP A 70 -6.12 10.96 -3.71
N ASN A 71 -5.72 10.41 -2.58
CA ASN A 71 -4.60 9.46 -2.58
C ASN A 71 -5.01 8.12 -3.21
N THR A 72 -6.29 7.85 -3.31
CA THR A 72 -6.83 6.63 -3.96
C THR A 72 -6.54 6.73 -5.46
N ARG A 73 -6.91 7.85 -6.05
CA ARG A 73 -6.59 8.10 -7.46
C ARG A 73 -5.07 8.20 -7.65
N ARG A 74 -4.35 8.81 -6.70
CA ARG A 74 -2.89 8.99 -6.86
C ARG A 74 -2.20 7.62 -7.03
N LYS A 75 -2.57 6.67 -6.20
CA LYS A 75 -1.96 5.34 -6.23
C LYS A 75 -2.36 4.64 -7.53
N ILE A 76 -3.60 4.83 -7.97
CA ILE A 76 -3.99 4.17 -9.23
C ILE A 76 -3.08 4.66 -10.35
N ILE A 77 -2.88 5.96 -10.39
CA ILE A 77 -2.11 6.58 -11.48
C ILE A 77 -0.67 6.07 -11.41
N LEU A 78 -0.07 6.04 -10.21
CA LEU A 78 1.37 5.63 -10.08
C LEU A 78 1.50 4.13 -10.36
N SER A 79 0.50 3.31 -10.04
CA SER A 79 0.54 1.86 -10.37
C SER A 79 0.47 1.65 -11.89
N THR A 80 -0.39 2.41 -12.56
CA THR A 80 -0.56 2.35 -14.04
C THR A 80 0.77 2.81 -14.64
N ASN A 81 1.28 3.92 -14.14
CA ASN A 81 2.58 4.50 -14.58
C ASN A 81 3.66 3.42 -14.53
N ALA A 82 3.92 2.86 -13.34
CA ALA A 82 4.98 1.85 -13.13
C ALA A 82 4.74 0.65 -14.06
N LEU A 83 3.51 0.20 -14.19
CA LEU A 83 3.25 -1.04 -14.95
C LEU A 83 3.09 -0.74 -16.43
N GLY A 84 2.75 0.49 -16.81
CA GLY A 84 2.49 0.78 -18.24
C GLY A 84 1.03 0.50 -18.59
N GLU A 85 0.63 -0.79 -18.61
CA GLU A 85 -0.78 -1.24 -18.74
C GLU A 85 -1.06 -2.23 -17.62
N ALA A 86 -2.21 -2.11 -16.95
CA ALA A 86 -2.53 -3.04 -15.82
C ALA A 86 -4.04 -3.38 -15.73
N SER A 87 -4.30 -4.66 -15.57
CA SER A 87 -5.38 -5.23 -14.76
C SER A 87 -5.84 -4.15 -13.78
N ILE A 88 -7.11 -3.77 -13.82
CA ILE A 88 -7.72 -2.94 -12.75
C ILE A 88 -7.53 -3.73 -11.46
N THR A 89 -7.64 -5.06 -11.55
CA THR A 89 -7.36 -5.96 -10.41
C THR A 89 -5.99 -5.65 -9.84
N ASP A 90 -5.00 -5.65 -10.72
CA ASP A 90 -3.60 -5.52 -10.29
C ASP A 90 -3.44 -4.15 -9.69
N ILE A 91 -3.95 -3.13 -10.33
CA ILE A 91 -3.84 -1.73 -9.81
C ILE A 91 -4.43 -1.66 -8.39
N ALA A 92 -5.61 -2.25 -8.21
CA ALA A 92 -6.30 -2.30 -6.92
C ALA A 92 -5.37 -2.95 -5.88
N ASN A 93 -4.93 -4.18 -6.14
CA ASN A 93 -3.93 -4.90 -5.32
C ASN A 93 -2.75 -3.99 -4.97
N LEU A 94 -2.12 -3.40 -5.94
CA LEU A 94 -0.91 -2.62 -5.65
C LEU A 94 -1.28 -1.39 -4.86
N SER A 95 -2.47 -0.87 -5.07
CA SER A 95 -2.90 0.40 -4.47
C SER A 95 -3.52 0.15 -3.10
N THR A 96 -3.54 -1.11 -2.66
CA THR A 96 -4.17 -1.51 -1.35
C THR A 96 -5.64 -1.05 -1.31
N LEU A 97 -6.39 -1.38 -2.34
CA LEU A 97 -7.81 -0.98 -2.49
C LEU A 97 -8.65 -2.22 -2.73
N LYS A 98 -9.90 -2.16 -2.25
CA LYS A 98 -11.01 -3.04 -2.70
C LYS A 98 -11.18 -2.89 -4.21
N LEU A 99 -11.45 -3.99 -4.89
CA LEU A 99 -11.64 -3.94 -6.36
C LEU A 99 -12.76 -2.94 -6.71
N THR A 100 -13.80 -2.84 -5.90
CA THR A 100 -14.97 -1.96 -6.18
C THR A 100 -14.52 -0.50 -6.08
N THR A 101 -13.84 -0.15 -4.98
CA THR A 101 -13.23 1.18 -4.77
C THR A 101 -12.38 1.53 -5.98
N ALA A 102 -11.53 0.58 -6.40
CA ALA A 102 -10.58 0.79 -7.53
C ALA A 102 -11.37 1.09 -8.81
N THR A 103 -12.32 0.22 -9.14
CA THR A 103 -13.08 0.32 -10.42
C THR A 103 -13.77 1.69 -10.45
N LYS A 104 -14.38 2.03 -9.34
CA LYS A 104 -15.10 3.33 -9.13
C LYS A 104 -14.15 4.48 -9.47
N ALA A 105 -12.96 4.52 -8.89
CA ALA A 105 -11.99 5.61 -9.09
C ALA A 105 -11.36 5.59 -10.51
N VAL A 106 -11.22 4.42 -11.10
CA VAL A 106 -10.69 4.34 -12.49
C VAL A 106 -11.63 5.07 -13.44
N TYR A 107 -12.94 4.78 -13.31
CA TYR A 107 -13.94 5.41 -14.20
C TYR A 107 -13.97 6.90 -13.91
N ARG A 108 -13.86 7.31 -12.65
CA ARG A 108 -13.75 8.74 -12.32
C ARG A 108 -12.53 9.34 -13.03
N LEU A 109 -11.48 8.57 -13.26
CA LEU A 109 -10.25 9.13 -13.89
C LEU A 109 -10.45 9.10 -15.41
N VAL A 110 -11.12 8.09 -15.93
CA VAL A 110 -11.50 8.10 -17.36
C VAL A 110 -12.34 9.36 -17.62
N GLU A 111 -13.43 9.52 -16.89
CA GLU A 111 -14.28 10.73 -16.98
C GLU A 111 -13.40 12.00 -16.97
N ASP A 112 -12.30 12.04 -16.23
CA ASP A 112 -11.42 13.25 -16.17
C ASP A 112 -10.35 13.20 -17.30
N GLY A 113 -10.37 12.17 -18.16
CA GLY A 113 -9.39 11.97 -19.22
C GLY A 113 -7.98 11.78 -18.67
N ILE A 114 -7.79 10.98 -17.60
CA ILE A 114 -6.46 10.77 -16.96
C ILE A 114 -5.91 9.42 -17.40
N VAL A 115 -6.80 8.46 -17.52
CA VAL A 115 -6.51 7.09 -17.98
C VAL A 115 -7.52 6.72 -19.08
N GLU A 116 -7.11 5.82 -19.93
CA GLU A 116 -7.92 5.06 -20.91
C GLU A 116 -8.14 3.71 -20.27
N VAL A 117 -9.35 3.22 -20.34
CA VAL A 117 -9.66 1.81 -19.98
C VAL A 117 -9.84 1.09 -21.31
N TYR A 118 -9.48 -0.18 -21.41
CA TYR A 118 -9.69 -0.87 -22.69
C TYR A 118 -9.71 -2.36 -22.42
N SER A 119 -10.59 -3.03 -23.13
CA SER A 119 -10.67 -4.51 -23.09
C SER A 119 -9.27 -5.08 -23.36
N SER A 120 -8.85 -6.05 -22.55
CA SER A 120 -7.57 -6.76 -22.65
C SER A 120 -7.51 -7.51 -23.98
N THR A 121 -6.39 -7.40 -24.69
CA THR A 121 -6.24 -8.12 -25.99
C THR A 121 -6.15 -9.64 -25.73
N THR A 122 -5.36 -10.07 -24.73
CA THR A 122 -5.25 -11.50 -24.33
C THR A 122 -6.60 -12.07 -23.81
N ASP A 123 -7.52 -11.29 -23.22
CA ASP A 123 -8.80 -11.76 -22.59
C ASP A 123 -9.74 -10.56 -22.41
N GLU A 124 -10.80 -10.43 -23.24
CA GLU A 124 -11.69 -9.23 -23.34
C GLU A 124 -12.30 -8.80 -21.98
N ARG A 125 -12.48 -9.74 -21.06
CA ARG A 125 -13.11 -9.45 -19.73
C ARG A 125 -12.19 -8.50 -18.96
N ILE A 126 -10.93 -8.88 -18.77
CA ILE A 126 -9.94 -8.04 -18.04
C ILE A 126 -9.93 -6.62 -18.61
N SER A 127 -10.26 -5.64 -17.81
CA SER A 127 -10.19 -4.19 -18.17
C SER A 127 -8.78 -3.68 -17.91
N MET A 128 -8.05 -3.40 -18.96
CA MET A 128 -6.69 -2.84 -18.84
C MET A 128 -6.79 -1.33 -18.67
N VAL A 129 -5.80 -0.76 -18.02
CA VAL A 129 -5.79 0.71 -17.77
C VAL A 129 -4.44 1.21 -18.27
N LYS A 130 -4.44 2.40 -18.87
CA LYS A 130 -3.16 3.06 -19.23
C LYS A 130 -3.36 4.56 -19.10
N LEU A 131 -2.29 5.34 -19.04
CA LEU A 131 -2.46 6.79 -18.88
C LEU A 131 -2.75 7.35 -20.27
N THR A 132 -3.26 8.58 -20.26
CA THR A 132 -3.30 9.53 -21.38
C THR A 132 -2.13 10.49 -21.23
N ALA A 133 -1.84 11.19 -22.32
CA ALA A 133 -0.92 12.33 -22.31
C ALA A 133 -1.21 13.16 -21.04
N LYS A 134 -2.49 13.44 -20.77
CA LYS A 134 -2.85 14.22 -19.57
C LYS A 134 -2.43 13.43 -18.34
N GLY A 135 -2.64 12.12 -18.36
CA GLY A 135 -2.23 11.23 -17.27
C GLY A 135 -0.75 11.42 -16.95
N VAL A 136 0.08 11.43 -17.99
CA VAL A 136 1.56 11.47 -17.86
C VAL A 136 1.95 12.82 -17.25
N GLU A 137 1.33 13.94 -17.70
CA GLU A 137 1.72 15.26 -17.13
C GLU A 137 1.31 15.25 -15.66
N LEU A 138 0.18 14.65 -15.33
CA LEU A 138 -0.27 14.64 -13.93
C LEU A 138 0.69 13.77 -13.09
N VAL A 139 1.22 12.69 -13.64
CA VAL A 139 2.31 11.91 -13.00
C VAL A 139 3.45 12.86 -12.58
N GLU A 140 4.00 13.63 -13.48
CA GLU A 140 5.13 14.51 -13.08
C GLU A 140 4.67 15.49 -12.01
N GLN A 141 3.43 15.92 -12.05
CA GLN A 141 2.92 16.81 -11.00
C GLN A 141 2.88 16.06 -9.68
N ILE A 142 2.40 14.83 -9.70
CA ILE A 142 2.38 13.99 -8.47
C ILE A 142 3.82 13.83 -7.95
N ASN A 143 4.77 13.59 -8.85
CA ASN A 143 6.18 13.35 -8.47
C ASN A 143 6.73 14.63 -7.86
N GLN A 144 6.32 15.77 -8.35
CA GLN A 144 6.88 17.02 -7.80
C GLN A 144 6.28 17.30 -6.41
N ILE A 145 4.99 17.04 -6.23
CA ILE A 145 4.38 17.24 -4.89
C ILE A 145 5.04 16.26 -3.92
N SER A 146 5.31 15.03 -4.36
CA SER A 146 6.12 14.04 -3.59
C SER A 146 7.45 14.67 -3.18
N VAL A 147 8.19 15.23 -4.13
CA VAL A 147 9.51 15.87 -3.82
C VAL A 147 9.31 16.78 -2.61
N VAL A 148 8.45 17.76 -2.76
CA VAL A 148 8.17 18.78 -1.71
C VAL A 148 8.00 18.04 -0.37
N THR A 149 6.90 17.30 -0.25
CA THR A 149 6.41 16.78 1.03
C THR A 149 7.32 15.67 1.57
N LEU A 150 8.10 14.97 0.75
CA LEU A 150 8.75 13.68 1.17
C LEU A 150 10.27 13.78 1.26
N ALA A 151 10.88 14.71 0.55
CA ALA A 151 12.35 14.68 0.36
C ALA A 151 13.08 14.77 1.70
N GLY A 152 12.64 15.69 2.56
CA GLY A 152 13.17 15.84 3.93
C GLY A 152 13.08 14.56 4.73
N ILE A 153 11.91 13.98 4.79
CA ILE A 153 11.63 12.76 5.62
C ILE A 153 12.57 11.64 5.14
N LEU A 154 12.54 11.30 3.86
CA LEU A 154 13.34 10.13 3.40
C LEU A 154 14.82 10.47 3.24
N ASN A 155 15.23 11.73 3.11
CA ASN A 155 16.69 12.09 3.14
C ASN A 155 17.16 12.06 4.61
N ALA A 156 16.26 11.86 5.58
CA ALA A 156 16.69 11.67 6.99
C ALA A 156 17.18 10.25 7.23
N PHE A 157 17.11 9.35 6.25
CA PHE A 157 17.56 7.94 6.39
C PHE A 157 18.61 7.67 5.32
N SER A 158 19.57 6.80 5.67
CA SER A 158 20.52 6.21 4.70
C SER A 158 19.81 5.25 3.73
N GLU A 159 20.37 5.06 2.54
CA GLU A 159 20.04 3.96 1.60
C GLU A 159 19.99 2.62 2.31
N ASP A 160 20.91 2.35 3.23
CA ASP A 160 20.95 1.04 3.92
C ASP A 160 19.73 0.89 4.82
N GLU A 161 19.43 1.91 5.63
CA GLU A 161 18.27 1.82 6.56
C GLU A 161 17.00 1.57 5.74
N LEU A 162 16.84 2.27 4.64
CA LEU A 162 15.56 2.23 3.93
C LEU A 162 15.45 0.89 3.20
N HIS A 163 16.52 0.40 2.63
CA HIS A 163 16.42 -0.89 1.88
C HIS A 163 16.16 -2.01 2.87
N ASN A 164 16.80 -1.89 4.04
CA ASN A 164 16.58 -2.88 5.10
C ASN A 164 15.10 -2.83 5.53
N LEU A 165 14.55 -1.62 5.71
CA LEU A 165 13.18 -1.48 6.23
C LEU A 165 12.22 -2.10 5.22
N ASN A 166 12.42 -1.84 3.92
CA ASN A 166 11.59 -2.45 2.85
C ASN A 166 11.68 -3.96 2.97
N HIS A 167 12.86 -4.49 3.22
CA HIS A 167 13.05 -5.96 3.28
C HIS A 167 12.23 -6.53 4.42
N GLN A 168 12.30 -5.92 5.60
CA GLN A 168 11.60 -6.44 6.78
C GLN A 168 10.10 -6.32 6.56
N LEU A 169 9.67 -5.20 5.98
CA LEU A 169 8.22 -5.04 5.73
C LEU A 169 7.81 -6.13 4.77
N LYS A 170 8.58 -6.38 3.71
CA LYS A 170 8.22 -7.47 2.78
C LYS A 170 8.15 -8.80 3.51
N LYS A 171 9.12 -9.12 4.35
CA LYS A 171 9.11 -10.43 5.04
C LYS A 171 7.81 -10.57 5.85
N LEU A 172 7.43 -9.53 6.56
CA LEU A 172 6.15 -9.52 7.30
C LEU A 172 5.01 -9.79 6.31
N PHE A 173 4.95 -9.04 5.22
CA PHE A 173 3.82 -9.11 4.29
C PHE A 173 3.72 -10.55 3.80
N ASP A 174 4.87 -11.20 3.57
CA ASP A 174 4.86 -12.55 2.94
C ASP A 174 4.51 -13.61 3.97
N LEU A 175 4.76 -13.43 5.27
CA LEU A 175 4.25 -14.45 6.23
C LEU A 175 2.75 -14.36 6.47
N MET A 176 2.09 -13.26 6.20
CA MET A 176 0.64 -13.22 6.52
C MET A 176 -0.14 -13.86 5.38
N PRO A 177 -1.33 -14.45 5.61
CA PRO A 177 -1.92 -15.33 4.60
C PRO A 177 -2.91 -14.67 3.64
N SER A 178 -4.18 -14.70 4.01
CA SER A 178 -5.32 -14.57 3.08
C SER A 178 -4.95 -13.53 2.02
#